data_4OYD
#
_entry.id   4OYD
#
_cell.length_a   52.103
_cell.length_b   113.869
_cell.length_c   55.670
_cell.angle_alpha   90.00
_cell.angle_beta   90.03
_cell.angle_gamma   90.00
#
_symmetry.space_group_name_H-M   'P 1 21 1'
#
loop_
_entity.id
_entity.type
_entity.pdbx_description
1 polymer 'Apoptosis regulator BHRF1'
2 polymer 'Computationally designed Inhibitor'
3 non-polymer 1,2-ETHANEDIOL
4 water water
#
loop_
_entity_poly.entity_id
_entity_poly.type
_entity_poly.pdbx_seq_one_letter_code
_entity_poly.pdbx_strand_id
1 'polypeptide(L)'
;SAYSTREILLALCIRDSRVHGNGTLHPVLELAARETPLRLSPEDTVVLRYHVLLEEIIERNSETFTETWNRFITHTEHVD
LDFNSVFLEIFHRGDPSLGRALAWMAWCMHACRTLCCNQSTPYYVVDLSVRGMLEASEGLDGWIHQQGGWSTLIEDNI
;
A,C
2 'polypeptide(L)'
;ADPKKVLDKAKDQAENRVRELKQKLEELYKEARKLDLTQEMRRKLELRYIAAMLMAIGDIYNAIRQAKQEADKLKKAGLV
NSQQLDELKRRLEELKEEASRKARDYGREFQLKLEYG
;
B,D
#
loop_
_chem_comp.id
_chem_comp.type
_chem_comp.name
_chem_comp.formula
EDO non-polymer 1,2-ETHANEDIOL 'C2 H6 O2'
#
# COMPACT_ATOMS: atom_id res chain seq x y z
N SER A 1 2.24 37.48 14.36
CA SER A 1 3.24 37.10 15.37
C SER A 1 2.99 35.65 15.80
N ALA A 2 3.03 34.71 14.83
CA ALA A 2 2.76 33.28 15.09
C ALA A 2 4.07 32.54 15.35
N TYR A 3 4.53 32.66 16.59
CA TYR A 3 5.82 32.13 16.95
C TYR A 3 5.77 30.86 17.87
N SER A 4 4.53 30.34 18.06
CA SER A 4 4.32 29.26 18.98
C SER A 4 3.76 28.10 18.21
N THR A 5 4.57 27.05 17.95
CA THR A 5 4.16 25.83 17.29
C THR A 5 3.02 25.12 18.04
N ARG A 6 3.07 25.18 19.36
CA ARG A 6 2.06 24.55 20.22
C ARG A 6 0.72 25.20 19.93
N GLU A 7 0.72 26.55 19.84
CA GLU A 7 -0.53 27.28 19.59
C GLU A 7 -1.08 26.99 18.18
N ILE A 8 -0.22 27.03 17.15
CA ILE A 8 -0.74 26.84 15.79
C ILE A 8 -1.20 25.38 15.58
N LEU A 9 -0.53 24.45 16.15
CA LEU A 9 -0.97 23.04 16.04
C LEU A 9 -2.27 22.76 16.80
N LEU A 10 -2.40 23.36 17.97
CA LEU A 10 -3.57 23.27 18.75
C LEU A 10 -4.77 23.94 17.99
N ALA A 11 -4.55 25.12 17.42
CA ALA A 11 -5.61 25.88 16.72
C ALA A 11 -6.02 25.07 15.48
N LEU A 12 -5.03 24.55 14.72
CA LEU A 12 -5.28 23.62 13.58
C LEU A 12 -6.06 22.40 13.96
N CYS A 13 -5.76 21.74 15.07
CA CYS A 13 -6.54 20.59 15.57
C CYS A 13 -7.98 20.91 15.90
N ILE A 14 -8.22 22.09 16.52
CA ILE A 14 -9.50 22.53 16.83
C ILE A 14 -10.30 22.86 15.54
N ARG A 15 -9.67 23.50 14.55
CA ARG A 15 -10.34 23.80 13.29
C ARG A 15 -10.73 22.47 12.63
N ASP A 16 -9.80 21.51 12.63
CA ASP A 16 -9.99 20.22 12.03
C ASP A 16 -11.17 19.49 12.68
N SER A 17 -11.35 19.64 14.01
CA SER A 17 -12.42 18.95 14.79
C SER A 17 -13.82 19.39 14.32
N ARG A 18 -13.91 20.64 13.86
CA ARG A 18 -15.14 21.17 13.27
C ARG A 18 -15.52 20.58 11.92
N VAL A 19 -14.54 20.09 11.18
CA VAL A 19 -14.76 19.55 9.83
C VAL A 19 -14.97 18.01 9.88
N HIS A 20 -14.88 17.36 11.06
CA HIS A 20 -14.75 15.88 11.09
C HIS A 20 -15.58 15.17 12.20
N GLY A 21 -15.86 13.87 11.96
CA GLY A 21 -16.67 13.04 12.90
C GLY A 21 -18.05 13.57 13.32
N ASN A 22 -18.23 13.84 14.61
CA ASN A 22 -19.50 14.45 15.05
C ASN A 22 -19.39 15.98 15.30
N GLY A 23 -18.26 16.58 14.89
CA GLY A 23 -18.06 18.02 15.05
C GLY A 23 -17.56 18.48 16.41
N THR A 24 -18.07 17.87 17.50
CA THR A 24 -17.92 18.42 18.87
C THR A 24 -16.51 18.20 19.38
N LEU A 25 -16.04 19.12 20.22
CA LEU A 25 -14.62 19.19 20.52
C LEU A 25 -14.24 18.31 21.70
N HIS A 26 -13.25 17.46 21.51
CA HIS A 26 -12.84 16.52 22.56
C HIS A 26 -12.39 17.30 23.81
N PRO A 27 -12.82 16.87 25.01
CA PRO A 27 -12.40 17.61 26.22
C PRO A 27 -10.89 17.77 26.42
N VAL A 28 -10.08 16.85 25.90
CA VAL A 28 -8.62 16.97 25.97
C VAL A 28 -8.18 18.24 25.25
N LEU A 29 -8.79 18.52 24.10
CA LEU A 29 -8.46 19.70 23.31
C LEU A 29 -8.96 20.96 23.98
N GLU A 30 -10.16 20.89 24.58
CA GLU A 30 -10.67 22.07 25.31
C GLU A 30 -9.73 22.40 26.51
N LEU A 31 -9.30 21.38 27.26
CA LEU A 31 -8.37 21.60 28.36
C LEU A 31 -7.00 22.10 27.89
N ALA A 32 -6.47 21.58 26.79
CA ALA A 32 -5.20 22.09 26.25
C ALA A 32 -5.26 23.59 25.85
N ALA A 33 -6.38 24.01 25.26
CA ALA A 33 -6.63 25.39 24.88
C ALA A 33 -6.73 26.32 26.09
N ARG A 34 -7.40 25.87 27.12
CA ARG A 34 -7.41 26.61 28.40
C ARG A 34 -6.02 26.75 29.06
N GLU A 35 -5.25 25.67 29.10
CA GLU A 35 -3.98 25.66 29.85
C GLU A 35 -2.85 26.39 29.15
N THR A 36 -2.91 26.51 27.83
CA THR A 36 -1.73 26.94 27.08
C THR A 36 -1.29 28.34 27.50
N PRO A 37 -2.21 29.35 27.52
CA PRO A 37 -3.56 29.37 26.99
C PRO A 37 -3.47 29.71 25.51
N LEU A 38 -4.45 29.26 24.75
CA LEU A 38 -4.45 29.42 23.32
C LEU A 38 -4.92 30.84 22.97
N ARG A 39 -4.07 31.64 22.33
CA ARG A 39 -4.50 32.98 21.93
C ARG A 39 -4.92 33.13 20.44
N LEU A 40 -4.48 32.21 19.58
CA LEU A 40 -4.92 32.12 18.20
C LEU A 40 -6.35 31.61 18.07
N SER A 41 -7.16 32.31 17.25
CA SER A 41 -8.46 31.82 16.89
C SER A 41 -8.30 30.68 15.88
N PRO A 42 -9.14 29.66 16.01
CA PRO A 42 -9.29 28.66 14.92
C PRO A 42 -9.73 29.29 13.55
N GLU A 43 -10.25 30.52 13.58
CA GLU A 43 -10.56 31.29 12.36
C GLU A 43 -9.51 32.31 11.93
N ASP A 44 -8.39 32.39 12.62
CA ASP A 44 -7.32 33.29 12.20
C ASP A 44 -6.81 32.92 10.82
N THR A 45 -6.46 33.96 10.05
CA THR A 45 -6.08 33.74 8.65
C THR A 45 -4.88 32.77 8.53
N VAL A 46 -3.92 32.85 9.46
N VAL A 46 -3.92 32.85 9.48
CA VAL A 46 -2.77 31.97 9.40
CA VAL A 46 -2.77 31.94 9.43
C VAL A 46 -3.16 30.48 9.68
C VAL A 46 -3.18 30.46 9.66
N VAL A 47 -4.14 30.24 10.55
CA VAL A 47 -4.60 28.91 10.82
C VAL A 47 -5.33 28.37 9.57
N LEU A 48 -6.19 29.17 8.96
CA LEU A 48 -6.93 28.83 7.77
C LEU A 48 -6.03 28.43 6.66
N ARG A 49 -4.99 29.24 6.41
CA ARG A 49 -4.03 28.93 5.34
C ARG A 49 -3.27 27.66 5.55
N TYR A 50 -2.76 27.46 6.77
CA TYR A 50 -2.11 26.22 7.03
C TYR A 50 -3.05 25.01 6.94
N HIS A 51 -4.25 25.16 7.41
CA HIS A 51 -5.20 24.10 7.35
C HIS A 51 -5.39 23.57 5.90
N VAL A 52 -5.44 24.50 4.93
CA VAL A 52 -5.53 24.14 3.53
C VAL A 52 -4.35 23.34 3.04
N LEU A 53 -3.13 23.76 3.40
CA LEU A 53 -1.91 23.03 3.06
C LEU A 53 -1.90 21.68 3.73
N LEU A 54 -2.26 21.60 5.02
CA LEU A 54 -2.16 20.30 5.72
C LEU A 54 -3.19 19.29 5.22
N GLU A 55 -4.37 19.78 4.89
CA GLU A 55 -5.36 18.92 4.30
C GLU A 55 -4.90 18.33 2.97
N GLU A 56 -4.25 19.11 2.12
CA GLU A 56 -3.71 18.61 0.80
C GLU A 56 -2.68 17.52 1.06
N ILE A 57 -1.76 17.78 2.01
CA ILE A 57 -0.82 16.77 2.34
C ILE A 57 -1.42 15.45 2.85
N ILE A 58 -2.40 15.55 3.75
CA ILE A 58 -3.08 14.36 4.23
C ILE A 58 -3.78 13.59 3.05
N GLU A 59 -4.54 14.29 2.21
CA GLU A 59 -5.16 13.64 1.01
C GLU A 59 -4.16 12.96 0.11
N ARG A 60 -3.08 13.67 -0.27
N ARG A 60 -3.10 13.68 -0.28
CA ARG A 60 -2.07 13.07 -1.16
CA ARG A 60 -2.12 13.16 -1.19
C ARG A 60 -1.33 11.90 -0.55
C ARG A 60 -1.28 11.99 -0.57
N ASN A 61 -1.25 11.85 0.76
CA ASN A 61 -0.46 10.78 1.43
C ASN A 61 -1.30 9.96 2.39
N SER A 62 -2.56 9.75 2.04
CA SER A 62 -3.49 9.18 3.01
C SER A 62 -3.10 7.78 3.43
N GLU A 63 -2.63 6.98 2.46
CA GLU A 63 -2.32 5.56 2.72
C GLU A 63 -1.15 5.49 3.69
N THR A 64 -0.11 6.27 3.41
CA THR A 64 1.03 6.31 4.24
C THR A 64 0.74 6.81 5.65
N PHE A 65 -0.07 7.86 5.78
CA PHE A 65 -0.47 8.37 7.08
C PHE A 65 -1.27 7.35 7.86
N THR A 66 -2.24 6.68 7.24
CA THR A 66 -2.98 5.66 7.95
C THR A 66 -2.10 4.54 8.44
N GLU A 67 -1.20 4.10 7.60
CA GLU A 67 -0.39 2.92 7.88
C GLU A 67 0.68 3.28 8.91
N THR A 68 1.30 4.46 8.84
CA THR A 68 2.26 4.87 9.88
C THR A 68 1.61 5.10 11.22
N TRP A 69 0.46 5.79 11.20
CA TRP A 69 -0.27 5.96 12.39
C TRP A 69 -0.68 4.63 13.05
N ASN A 70 -1.15 3.66 12.27
CA ASN A 70 -1.57 2.40 12.81
C ASN A 70 -0.38 1.76 13.48
N ARG A 71 0.80 1.80 12.83
CA ARG A 71 1.98 1.19 13.47
C ARG A 71 2.38 1.95 14.74
N PHE A 72 2.28 3.28 14.74
CA PHE A 72 2.53 4.06 15.94
C PHE A 72 1.67 3.67 17.18
N ILE A 73 0.39 3.60 16.94
CA ILE A 73 -0.57 3.47 17.99
C ILE A 73 -0.74 2.06 18.51
N THR A 74 -0.13 1.04 17.87
CA THR A 74 -0.09 -0.34 18.41
C THR A 74 0.42 -0.41 19.85
N HIS A 75 1.31 0.51 20.23
CA HIS A 75 1.80 0.66 21.61
C HIS A 75 1.38 2.02 22.17
N THR A 76 0.52 1.99 23.20
CA THR A 76 -0.10 3.20 23.73
C THR A 76 0.53 3.66 25.09
N GLU A 77 1.22 2.74 25.76
CA GLU A 77 1.95 2.96 27.02
C GLU A 77 2.71 4.27 27.06
N HIS A 78 3.60 4.46 26.09
CA HIS A 78 4.47 5.64 26.10
C HIS A 78 4.29 6.53 24.88
N VAL A 79 3.06 6.83 24.52
CA VAL A 79 2.79 7.63 23.35
C VAL A 79 3.47 9.01 23.44
N ASP A 80 3.49 9.58 24.62
CA ASP A 80 4.09 10.90 24.76
C ASP A 80 5.64 10.86 24.40
N LEU A 81 6.33 9.89 24.97
CA LEU A 81 7.78 9.65 24.66
C LEU A 81 8.01 9.34 23.19
N ASP A 82 7.10 8.56 22.57
CA ASP A 82 7.27 8.11 21.19
C ASP A 82 7.05 9.22 20.23
N PHE A 83 6.11 10.12 20.48
CA PHE A 83 5.94 11.33 19.68
C PHE A 83 7.24 12.19 19.66
N ASN A 84 7.82 12.40 20.84
CA ASN A 84 9.11 13.11 20.95
C ASN A 84 10.19 12.40 20.19
N SER A 85 10.25 11.08 20.35
CA SER A 85 11.24 10.23 19.67
C SER A 85 11.12 10.43 18.15
N VAL A 86 9.94 10.31 17.54
CA VAL A 86 9.76 10.49 16.09
C VAL A 86 10.08 11.91 15.66
N PHE A 87 9.59 12.89 16.43
CA PHE A 87 9.92 14.35 16.15
C PHE A 87 11.42 14.65 16.09
N LEU A 88 12.15 14.14 17.09
CA LEU A 88 13.59 14.31 17.21
C LEU A 88 14.32 13.53 16.13
N GLU A 89 13.82 12.35 15.82
CA GLU A 89 14.34 11.60 14.65
C GLU A 89 14.32 12.37 13.34
N ILE A 90 13.26 13.12 13.13
CA ILE A 90 13.11 13.92 11.91
C ILE A 90 14.04 15.18 11.92
N PHE A 91 14.12 15.88 13.06
CA PHE A 91 14.71 17.23 13.14
C PHE A 91 16.08 17.39 13.84
N HIS A 92 16.66 16.33 14.42
CA HIS A 92 17.79 16.46 15.37
C HIS A 92 19.04 17.05 14.75
N ARG A 93 19.19 16.83 13.46
CA ARG A 93 20.31 17.44 12.75
C ARG A 93 20.29 19.02 12.79
N GLY A 94 19.10 19.60 13.01
CA GLY A 94 18.95 21.06 13.09
C GLY A 94 18.98 21.65 11.69
N ASP A 95 18.24 21.00 10.79
CA ASP A 95 18.12 21.37 9.37
C ASP A 95 16.62 21.28 8.91
N PRO A 96 15.69 21.87 9.68
CA PRO A 96 14.29 21.82 9.32
C PRO A 96 14.05 22.54 7.99
N SER A 97 12.90 22.33 7.41
CA SER A 97 12.49 22.97 6.16
C SER A 97 10.97 23.04 6.21
N LEU A 98 10.41 23.91 5.39
CA LEU A 98 8.93 23.96 5.28
C LEU A 98 8.30 22.59 5.03
N GLY A 99 8.82 21.81 4.10
CA GLY A 99 8.15 20.57 3.82
C GLY A 99 8.25 19.60 4.95
N ARG A 100 9.36 19.54 5.70
CA ARG A 100 9.42 18.63 6.83
C ARG A 100 8.50 18.99 7.94
N ALA A 101 8.40 20.30 8.19
CA ALA A 101 7.48 20.80 9.16
C ALA A 101 6.05 20.49 8.83
N LEU A 102 5.65 20.79 7.60
CA LEU A 102 4.32 20.52 7.14
C LEU A 102 3.96 19.07 7.17
N ALA A 103 4.90 18.22 6.82
CA ALA A 103 4.66 16.77 6.95
C ALA A 103 4.41 16.35 8.41
N TRP A 104 5.25 16.82 9.32
CA TRP A 104 5.08 16.57 10.71
C TRP A 104 3.69 17.07 11.22
N MET A 105 3.39 18.33 10.94
CA MET A 105 2.21 18.90 11.47
C MET A 105 0.98 18.20 10.85
N ALA A 106 1.03 17.85 9.55
CA ALA A 106 -0.04 17.10 8.91
C ALA A 106 -0.25 15.77 9.57
N TRP A 107 0.86 15.08 9.88
CA TRP A 107 0.79 13.80 10.56
C TRP A 107 0.12 13.91 11.94
N CYS A 108 0.52 14.93 12.72
CA CYS A 108 -0.08 15.18 14.01
C CYS A 108 -1.59 15.47 13.95
N MET A 109 -1.94 16.29 12.99
CA MET A 109 -3.35 16.63 12.82
C MET A 109 -4.21 15.40 12.41
N HIS A 110 -3.72 14.59 11.48
CA HIS A 110 -4.25 13.31 11.13
C HIS A 110 -4.41 12.40 12.36
N ALA A 111 -3.41 12.34 13.22
CA ALA A 111 -3.48 11.48 14.40
C ALA A 111 -4.64 11.94 15.30
N CYS A 112 -4.67 13.22 15.54
CA CYS A 112 -5.67 13.81 16.42
CA CYS A 112 -5.69 13.82 16.37
C CYS A 112 -7.00 13.48 15.85
N ARG A 113 -7.15 13.67 14.55
CA ARG A 113 -8.36 13.35 13.84
C ARG A 113 -8.84 11.89 14.00
N THR A 114 -7.91 10.95 13.90
CA THR A 114 -8.21 9.58 14.01
C THR A 114 -8.56 9.17 15.47
N LEU A 115 -7.91 9.79 16.41
CA LEU A 115 -8.12 9.56 17.84
C LEU A 115 -9.46 10.14 18.35
N CYS A 116 -9.79 11.37 17.95
CA CYS A 116 -10.85 12.16 18.59
C CYS A 116 -12.21 11.77 18.05
N CYS A 117 -12.23 11.33 16.79
CA CYS A 117 -13.47 10.90 16.09
C CYS A 117 -13.93 9.50 16.57
N ASN A 118 -12.97 8.62 16.88
CA ASN A 118 -13.25 7.21 17.30
C ASN A 118 -13.68 7.00 18.78
N GLN A 119 -14.99 6.90 19.00
CA GLN A 119 -15.56 6.65 20.34
C GLN A 119 -14.91 5.46 21.11
N SER A 120 -14.29 4.53 20.38
CA SER A 120 -13.52 3.42 21.00
C SER A 120 -12.02 3.74 21.30
N THR A 121 -11.58 5.01 21.26
CA THR A 121 -10.28 5.36 21.85
C THR A 121 -10.37 5.82 23.31
N PRO A 122 -9.65 5.15 24.24
CA PRO A 122 -9.73 5.60 25.61
C PRO A 122 -9.27 7.06 25.83
N TYR A 123 -9.90 7.71 26.81
CA TYR A 123 -9.53 9.06 27.17
C TYR A 123 -8.02 9.24 27.36
N TYR A 124 -7.39 8.34 28.11
CA TYR A 124 -6.01 8.55 28.51
C TYR A 124 -5.08 8.47 27.30
N VAL A 125 -5.49 7.77 26.26
CA VAL A 125 -4.72 7.66 25.02
C VAL A 125 -4.77 8.98 24.24
N VAL A 126 -5.98 9.55 24.18
CA VAL A 126 -6.12 10.82 23.55
C VAL A 126 -5.33 11.90 24.29
N ASP A 127 -5.39 11.87 25.61
CA ASP A 127 -4.67 12.86 26.43
C ASP A 127 -3.15 12.81 26.25
N LEU A 128 -2.60 11.59 26.33
CA LEU A 128 -1.17 11.42 26.15
C LEU A 128 -0.75 11.80 24.76
N SER A 129 -1.58 11.52 23.77
CA SER A 129 -1.20 11.84 22.43
C SER A 129 -1.18 13.30 22.21
N VAL A 130 -2.21 13.98 22.67
CA VAL A 130 -2.24 15.43 22.44
C VAL A 130 -1.11 16.14 23.18
N ARG A 131 -0.93 15.76 24.43
CA ARG A 131 0.14 16.31 25.26
C ARG A 131 1.50 16.02 24.59
N GLY A 132 1.69 14.78 24.11
CA GLY A 132 2.87 14.38 23.37
C GLY A 132 3.18 15.15 22.10
N MET A 133 2.22 15.28 21.21
CA MET A 133 2.43 16.05 20.00
C MET A 133 2.71 17.47 20.26
N LEU A 134 2.00 18.07 21.20
CA LEU A 134 2.17 19.52 21.39
C LEU A 134 3.56 19.85 21.99
N GLU A 135 3.97 19.02 22.94
CA GLU A 135 5.25 19.21 23.66
C GLU A 135 6.41 19.00 22.69
N ALA A 136 6.31 17.96 21.85
CA ALA A 136 7.34 17.62 20.89
C ALA A 136 7.48 18.72 19.85
N SER A 137 6.34 19.21 19.38
CA SER A 137 6.35 20.25 18.34
C SER A 137 6.97 21.60 18.71
N GLU A 138 7.01 21.94 20.01
CA GLU A 138 7.66 23.14 20.52
C GLU A 138 9.11 23.15 20.15
N GLY A 139 9.62 21.98 19.76
CA GLY A 139 11.01 21.96 19.23
C GLY A 139 11.24 22.80 17.96
N LEU A 140 10.19 23.06 17.17
CA LEU A 140 10.36 23.88 15.97
C LEU A 140 10.45 25.40 16.26
N ASP A 141 10.20 25.79 17.52
CA ASP A 141 10.04 27.25 17.82
C ASP A 141 11.23 28.10 17.44
N GLY A 142 12.44 27.64 17.79
CA GLY A 142 13.63 28.39 17.50
C GLY A 142 13.82 28.57 16.01
N TRP A 143 13.71 27.49 15.25
CA TRP A 143 13.75 27.55 13.74
C TRP A 143 12.67 28.51 13.14
N ILE A 144 11.42 28.38 13.58
CA ILE A 144 10.30 29.23 13.08
C ILE A 144 10.64 30.67 13.43
N HIS A 145 11.17 30.91 14.62
CA HIS A 145 11.59 32.26 15.01
C HIS A 145 12.56 32.85 14.01
N GLN A 146 13.58 32.09 13.65
CA GLN A 146 14.58 32.57 12.70
C GLN A 146 13.97 32.88 11.36
N GLN A 147 12.88 32.19 11.02
CA GLN A 147 12.20 32.40 9.74
C GLN A 147 11.21 33.55 9.74
N GLY A 148 11.08 34.32 10.84
CA GLY A 148 10.05 35.35 10.94
C GLY A 148 8.62 34.89 11.25
N GLY A 149 8.47 33.68 11.76
CA GLY A 149 7.17 33.18 12.17
C GLY A 149 6.41 32.34 11.13
N TRP A 150 5.36 31.67 11.56
CA TRP A 150 4.58 30.78 10.68
C TRP A 150 3.97 31.53 9.48
N SER A 151 3.54 32.75 9.74
CA SER A 151 2.96 33.58 8.71
C SER A 151 3.97 33.92 7.60
N THR A 152 5.14 34.41 7.96
CA THR A 152 6.17 34.73 7.00
C THR A 152 6.61 33.53 6.21
N LEU A 153 6.57 32.38 6.84
CA LEU A 153 7.17 31.19 6.26
C LEU A 153 6.47 30.76 4.95
N ILE A 154 5.18 30.99 4.82
CA ILE A 154 4.49 30.60 3.60
C ILE A 154 4.37 31.69 2.54
N GLU A 155 4.98 32.83 2.81
CA GLU A 155 4.94 33.94 1.88
C GLU A 155 5.86 33.64 0.73
N ASP A 156 7.14 33.49 1.05
CA ASP A 156 8.18 33.31 0.04
C ASP A 156 8.10 34.34 -1.10
N ALA B 1 16.68 28.13 -16.67
CA ALA B 1 16.79 28.77 -18.02
C ALA B 1 15.69 28.31 -18.98
N ASP B 2 15.10 27.13 -18.74
CA ASP B 2 13.86 26.74 -19.45
C ASP B 2 13.06 25.60 -18.73
N PRO B 3 11.80 25.36 -19.17
CA PRO B 3 10.90 24.39 -18.51
C PRO B 3 11.48 22.98 -18.36
N LYS B 4 12.28 22.54 -19.34
CA LYS B 4 12.84 21.21 -19.27
C LYS B 4 13.93 21.15 -18.21
N LYS B 5 14.70 22.22 -18.02
CA LYS B 5 15.73 22.27 -16.96
C LYS B 5 15.11 22.28 -15.54
N VAL B 6 14.02 23.04 -15.36
CA VAL B 6 13.25 23.04 -14.09
C VAL B 6 12.73 21.64 -13.80
N LEU B 7 12.10 21.02 -14.78
CA LEU B 7 11.49 19.73 -14.57
C LEU B 7 12.58 18.66 -14.36
N ASP B 8 13.73 18.80 -15.00
CA ASP B 8 14.77 17.77 -14.91
C ASP B 8 15.45 17.82 -13.57
N LYS B 9 15.73 19.03 -13.08
CA LYS B 9 16.40 19.19 -11.78
C LYS B 9 15.52 18.68 -10.65
N ALA B 10 14.20 18.80 -10.82
CA ALA B 10 13.25 18.36 -9.80
C ALA B 10 13.10 16.83 -9.82
N LYS B 11 13.13 16.26 -11.02
CA LYS B 11 12.99 14.82 -11.17
C LYS B 11 14.15 14.08 -10.51
N ASP B 12 15.35 14.64 -10.62
CA ASP B 12 16.55 14.05 -10.03
C ASP B 12 16.52 14.16 -8.51
N GLN B 13 15.94 15.25 -8.02
CA GLN B 13 15.85 15.48 -6.58
C GLN B 13 14.80 14.57 -5.94
N ALA B 14 13.69 14.38 -6.65
CA ALA B 14 12.62 13.54 -6.14
C ALA B 14 13.00 12.06 -6.19
N GLU B 15 13.87 11.75 -7.35
N GLU B 15 13.88 11.77 -7.34
CA GLU B 15 14.44 10.39 -7.39
CA GLU B 15 14.48 10.47 -7.42
C GLU B 15 15.50 10.20 -6.30
C GLU B 15 15.50 10.22 -6.31
N ASN B 16 16.37 11.31 -6.10
CA ASN B 16 17.33 11.20 -5.01
C ASN B 16 16.64 10.97 -3.67
N ARG B 17 15.61 11.77 -3.40
CA ARG B 17 14.87 11.66 -2.15
C ARG B 17 14.27 10.27 -1.98
N VAL B 18 13.67 9.75 -3.04
CA VAL B 18 13.05 8.43 -3.02
C VAL B 18 14.09 7.34 -2.76
N ARG B 19 15.26 7.51 -3.36
CA ARG B 19 16.35 6.55 -3.20
C ARG B 19 16.87 6.53 -1.77
N GLU B 20 16.88 7.70 -1.14
CA GLU B 20 17.36 7.83 0.23
C GLU B 20 16.45 7.10 1.20
N LEU B 21 15.15 7.07 0.89
CA LEU B 21 14.18 6.40 1.74
C LEU B 21 14.26 4.88 1.59
N LYS B 22 14.43 4.49 0.20
N LYS B 22 14.43 4.49 0.20
CA LYS B 22 14.63 3.06 -0.06
CA LYS B 22 14.63 3.06 -0.06
C LYS B 22 15.82 2.50 0.75
C LYS B 22 15.82 2.50 0.75
N GLN B 23 16.98 3.62 0.80
CA GLN B 23 18.13 2.99 1.43
C GLN B 23 17.92 2.86 2.94
N LYS B 24 17.24 3.84 3.52
CA LYS B 24 16.96 3.84 4.96
C LYS B 24 16.17 2.61 5.37
N LEU B 25 15.15 2.28 4.59
CA LEU B 25 14.31 1.15 4.87
C LEU B 25 15.06 -0.20 4.69
N GLU B 26 15.98 -0.26 3.75
N GLU B 26 15.97 -0.27 3.74
CA GLU B 26 16.84 -1.43 3.65
CA GLU B 26 16.80 -1.45 3.61
C GLU B 26 17.73 -1.57 4.90
C GLU B 26 17.70 -1.61 4.84
N GLU B 27 18.30 -0.46 5.41
N GLU B 27 18.26 -0.52 5.35
CA GLU B 27 19.13 -0.51 6.67
CA GLU B 27 19.10 -0.59 6.57
C GLU B 27 18.27 -1.01 7.80
C GLU B 27 18.28 -0.99 7.79
N LEU B 28 17.06 -0.48 7.89
CA LEU B 28 16.15 -0.85 8.99
C LEU B 28 15.79 -2.33 8.98
N TYR B 29 15.54 -2.86 7.79
CA TYR B 29 15.28 -4.27 7.65
C TYR B 29 16.42 -5.15 8.09
N LYS B 30 17.60 -4.82 7.66
CA LYS B 30 18.77 -5.54 8.13
C LYS B 30 18.91 -5.57 9.69
N GLU B 31 18.71 -4.44 10.34
N GLU B 31 18.71 -4.44 10.34
CA GLU B 31 18.64 -4.39 11.80
CA GLU B 31 18.64 -4.38 11.80
C GLU B 31 17.53 -5.27 12.34
C GLU B 31 17.53 -5.26 12.34
N ALA B 32 16.36 -5.27 11.69
CA ALA B 32 15.22 -5.99 12.17
C ALA B 32 15.43 -7.49 12.09
N ARG B 33 16.32 -7.93 11.20
N ARG B 33 16.33 -7.93 11.21
CA ARG B 33 16.63 -9.34 11.02
CA ARG B 33 16.63 -9.34 11.02
C ARG B 33 17.77 -9.86 11.91
C ARG B 33 17.77 -9.86 11.91
N LYS B 34 18.28 -9.01 12.80
CA LYS B 34 19.30 -9.44 13.77
C LYS B 34 18.68 -10.27 14.87
N LEU B 35 19.41 -11.25 15.35
CA LEU B 35 18.86 -12.10 16.41
C LEU B 35 18.88 -11.39 17.76
N ASP B 36 17.98 -11.78 18.65
CA ASP B 36 17.91 -11.21 20.01
C ASP B 36 17.72 -9.64 19.98
N LEU B 37 17.04 -9.20 18.91
CA LEU B 37 16.37 -7.92 18.89
C LEU B 37 15.32 -7.98 19.98
N THR B 38 15.42 -7.08 20.94
CA THR B 38 14.40 -6.98 21.97
C THR B 38 13.23 -6.10 21.56
N GLN B 39 12.21 -6.05 22.42
CA GLN B 39 11.01 -5.25 22.12
C GLN B 39 11.27 -3.75 22.04
N GLU B 40 12.13 -3.22 22.90
N GLU B 40 12.11 -3.22 22.92
CA GLU B 40 12.56 -1.82 22.74
CA GLU B 40 12.49 -1.83 22.81
C GLU B 40 13.30 -1.60 21.41
C GLU B 40 13.29 -1.58 21.50
N MET B 41 14.16 -2.54 21.02
N MET B 41 14.13 -2.53 21.06
CA MET B 41 14.89 -2.35 19.78
CA MET B 41 14.84 -2.31 19.80
C MET B 41 13.91 -2.35 18.61
C MET B 41 13.88 -2.31 18.63
N ARG B 42 12.91 -3.22 18.65
N ARG B 42 12.90 -3.20 18.66
CA ARG B 42 11.92 -3.26 17.59
CA ARG B 42 11.91 -3.25 17.61
C ARG B 42 11.11 -1.97 17.45
C ARG B 42 11.11 -1.97 17.45
N ARG B 43 10.64 -1.46 18.58
CA ARG B 43 9.91 -0.20 18.65
C ARG B 43 10.77 0.94 18.10
N LYS B 44 12.06 1.01 18.45
N LYS B 44 12.05 1.00 18.45
CA LYS B 44 12.96 2.04 17.93
CA LYS B 44 12.91 2.03 17.94
C LYS B 44 13.03 1.98 16.38
C LYS B 44 13.03 1.97 16.39
N LEU B 45 13.10 0.76 15.83
CA LEU B 45 13.04 0.61 14.38
C LEU B 45 11.73 1.11 13.77
N GLU B 46 10.58 0.80 14.41
CA GLU B 46 9.23 1.24 13.95
C GLU B 46 9.19 2.81 13.91
N LEU B 47 9.71 3.42 14.96
CA LEU B 47 9.75 4.94 15.05
C LEU B 47 10.68 5.54 14.01
N ARG B 48 11.80 4.85 13.69
CA ARG B 48 12.70 5.32 12.66
C ARG B 48 12.02 5.20 11.29
N TYR B 49 11.26 4.11 11.08
CA TYR B 49 10.45 3.96 9.85
C TYR B 49 9.46 5.09 9.56
N ILE B 50 8.70 5.49 10.55
CA ILE B 50 7.76 6.64 10.54
C ILE B 50 8.48 7.93 10.21
N ALA B 51 9.60 8.19 10.88
CA ALA B 51 10.41 9.38 10.66
C ALA B 51 10.93 9.35 9.22
N ALA B 52 11.42 8.19 8.73
CA ALA B 52 11.88 8.16 7.36
C ALA B 52 10.74 8.52 6.34
N MET B 53 9.60 7.92 6.50
CA MET B 53 8.43 8.13 5.63
C MET B 53 8.06 9.66 5.67
N LEU B 54 8.04 10.22 6.85
CA LEU B 54 7.77 11.69 6.97
C LEU B 54 8.78 12.64 6.38
N MET B 55 10.06 12.32 6.55
CA MET B 55 11.11 13.06 5.96
C MET B 55 11.05 12.94 4.43
N ALA B 56 10.71 11.76 3.88
CA ALA B 56 10.57 11.61 2.42
C ALA B 56 9.42 12.45 1.85
N ILE B 57 8.29 12.45 2.52
CA ILE B 57 7.15 13.25 2.11
C ILE B 57 7.49 14.74 2.16
N GLY B 58 8.16 15.15 3.22
CA GLY B 58 8.55 16.56 3.37
C GLY B 58 9.56 16.98 2.34
N ASP B 59 10.49 16.07 2.04
CA ASP B 59 11.56 16.38 1.08
C ASP B 59 11.03 16.40 -0.38
N ILE B 60 10.12 15.52 -0.72
N ILE B 60 10.12 15.50 -0.72
CA ILE B 60 9.44 15.59 -2.01
CA ILE B 60 9.43 15.59 -2.03
C ILE B 60 8.67 16.93 -2.15
C ILE B 60 8.67 16.93 -2.15
N TYR B 61 7.94 17.28 -1.10
CA TYR B 61 7.19 18.50 -1.07
C TYR B 61 8.05 19.69 -1.30
N ASN B 62 9.17 19.76 -0.63
CA ASN B 62 10.20 20.78 -0.88
C ASN B 62 10.73 20.89 -2.27
N ALA B 63 11.11 19.75 -2.85
CA ALA B 63 11.67 19.75 -4.22
C ALA B 63 10.65 20.31 -5.20
N ILE B 64 9.40 19.87 -5.09
CA ILE B 64 8.36 20.32 -6.00
C ILE B 64 8.00 21.81 -5.75
N ARG B 65 7.77 22.22 -4.55
CA ARG B 65 7.57 23.62 -4.18
C ARG B 65 8.63 24.52 -4.86
N GLN B 66 9.93 24.16 -4.66
N GLN B 66 9.93 24.16 -4.67
CA GLN B 66 11.07 24.90 -5.24
CA GLN B 66 11.05 24.91 -5.26
C GLN B 66 10.97 25.02 -6.75
C GLN B 66 10.95 25.02 -6.76
N ALA B 67 10.61 23.91 -7.42
CA ALA B 67 10.44 23.88 -8.86
C ALA B 67 9.32 24.79 -9.32
N LYS B 68 8.20 24.76 -8.60
CA LYS B 68 7.06 25.65 -8.87
C LYS B 68 7.43 27.13 -8.68
N GLN B 69 8.23 27.43 -7.67
CA GLN B 69 8.72 28.79 -7.47
C GLN B 69 9.63 29.22 -8.59
N GLU B 70 10.50 28.33 -9.01
CA GLU B 70 11.36 28.60 -10.13
C GLU B 70 10.57 28.73 -11.45
N ALA B 71 9.44 28.04 -11.57
CA ALA B 71 8.57 28.14 -12.75
C ALA B 71 7.91 29.54 -12.78
N ASP B 72 7.42 29.98 -11.63
CA ASP B 72 6.87 31.33 -11.45
C ASP B 72 7.81 32.41 -11.89
N LYS B 73 9.10 32.25 -11.57
CA LYS B 73 10.11 33.23 -11.91
C LYS B 73 10.34 33.33 -13.40
N LEU B 74 10.22 32.20 -14.09
CA LEU B 74 10.20 32.21 -15.56
C LEU B 74 9.04 33.02 -16.14
N LYS B 75 7.86 32.81 -15.58
CA LYS B 75 6.66 33.53 -16.06
C LYS B 75 6.83 35.01 -15.76
N LYS B 76 7.27 35.35 -14.56
CA LYS B 76 7.52 36.75 -14.19
C LYS B 76 8.60 37.44 -15.07
N ALA B 77 9.64 36.70 -15.48
CA ALA B 77 10.67 37.22 -16.39
C ALA B 77 10.24 37.27 -17.87
N GLY B 78 9.01 36.82 -18.16
CA GLY B 78 8.48 36.80 -19.52
C GLY B 78 9.07 35.69 -20.38
N LEU B 79 9.54 34.61 -19.76
CA LEU B 79 10.25 33.54 -20.51
C LEU B 79 9.40 32.33 -20.85
N VAL B 80 8.18 32.29 -20.35
CA VAL B 80 7.23 31.26 -20.73
C VAL B 80 5.90 31.95 -20.75
N ASN B 81 4.98 31.42 -21.52
CA ASN B 81 3.64 31.95 -21.57
C ASN B 81 2.73 31.19 -20.61
N SER B 82 1.43 31.45 -20.70
CA SER B 82 0.45 30.83 -19.81
C SER B 82 0.35 29.34 -20.01
N GLN B 83 0.31 28.95 -21.28
CA GLN B 83 0.23 27.53 -21.66
C GLN B 83 1.37 26.82 -20.96
N GLN B 84 2.57 27.30 -21.26
CA GLN B 84 3.80 26.64 -20.88
C GLN B 84 3.99 26.65 -19.36
N LEU B 85 3.51 27.69 -18.68
CA LEU B 85 3.54 27.72 -17.22
C LEU B 85 2.68 26.61 -16.62
N ASP B 86 1.45 26.49 -17.13
CA ASP B 86 0.49 25.51 -16.60
C ASP B 86 0.88 24.09 -16.94
N GLU B 87 1.33 23.90 -18.18
CA GLU B 87 1.87 22.62 -18.64
C GLU B 87 3.02 22.17 -17.76
N LEU B 88 3.93 23.09 -17.44
CA LEU B 88 5.05 22.81 -16.55
C LEU B 88 4.58 22.39 -15.14
N LYS B 89 3.63 23.14 -14.56
CA LYS B 89 3.14 22.83 -13.22
C LYS B 89 2.36 21.51 -13.19
N ARG B 90 1.69 21.19 -14.29
CA ARG B 90 1.00 19.92 -14.45
C ARG B 90 1.99 18.78 -14.39
N ARG B 91 3.10 18.96 -15.09
CA ARG B 91 4.15 17.98 -15.15
C ARG B 91 4.84 17.76 -13.80
N LEU B 92 5.02 18.87 -13.08
CA LEU B 92 5.60 18.86 -11.74
C LEU B 92 4.69 18.11 -10.77
N GLU B 93 3.38 18.26 -10.95
CA GLU B 93 2.40 17.50 -10.17
C GLU B 93 2.42 15.99 -10.44
N GLU B 94 2.55 15.60 -11.70
N GLU B 94 2.56 15.60 -11.71
CA GLU B 94 2.68 14.19 -12.05
CA GLU B 94 2.70 14.18 -12.07
C GLU B 94 3.92 13.60 -11.41
C GLU B 94 3.92 13.60 -11.40
N LEU B 95 5.00 14.36 -11.44
N LEU B 95 5.00 14.36 -11.44
CA LEU B 95 6.23 13.92 -10.82
CA LEU B 95 6.23 13.92 -10.82
C LEU B 95 6.02 13.72 -9.31
C LEU B 95 6.02 13.72 -9.31
N LYS B 96 5.29 14.62 -8.67
CA LYS B 96 5.04 14.50 -7.27
C LYS B 96 4.18 13.26 -6.98
N GLU B 97 3.18 13.02 -7.80
CA GLU B 97 2.33 11.85 -7.64
C GLU B 97 3.09 10.52 -7.85
N GLU B 98 4.00 10.47 -8.81
CA GLU B 98 4.80 9.27 -9.06
C GLU B 98 5.74 8.98 -7.89
N ALA B 99 6.48 10.00 -7.43
CA ALA B 99 7.36 9.88 -6.24
C ALA B 99 6.62 9.44 -4.99
N SER B 100 5.47 10.03 -4.77
N SER B 100 5.46 10.04 -4.76
CA SER B 100 4.61 9.72 -3.67
CA SER B 100 4.58 9.71 -3.65
C SER B 100 4.15 8.25 -3.71
C SER B 100 4.14 8.24 -3.71
N ARG B 101 3.77 7.76 -4.89
CA ARG B 101 3.47 6.31 -5.00
C ARG B 101 4.67 5.40 -4.62
N LYS B 102 5.85 5.73 -5.12
CA LYS B 102 7.05 4.87 -4.87
C LYS B 102 7.34 4.89 -3.42
N ALA B 103 7.21 6.04 -2.76
CA ALA B 103 7.48 6.14 -1.29
C ALA B 103 6.47 5.31 -0.52
N ARG B 104 5.18 5.41 -0.89
CA ARG B 104 4.12 4.64 -0.28
C ARG B 104 4.52 3.13 -0.39
N ASP B 105 4.95 2.73 -1.56
CA ASP B 105 5.15 1.26 -1.77
C ASP B 105 6.39 0.78 -1.05
N TYR B 106 7.42 1.60 -0.99
CA TYR B 106 8.60 1.29 -0.09
C TYR B 106 8.22 1.07 1.34
N GLY B 107 7.35 1.92 1.87
CA GLY B 107 6.80 1.69 3.21
C GLY B 107 6.02 0.40 3.32
N ARG B 108 5.12 0.10 2.34
CA ARG B 108 4.34 -1.14 2.37
C ARG B 108 5.22 -2.40 2.40
N GLU B 109 6.27 -2.35 1.61
CA GLU B 109 7.15 -3.50 1.44
C GLU B 109 7.87 -3.72 2.78
N PHE B 110 8.31 -2.64 3.40
CA PHE B 110 8.97 -2.70 4.74
C PHE B 110 8.10 -3.29 5.82
N GLN B 111 6.89 -2.78 5.93
CA GLN B 111 5.93 -3.30 6.87
C GLN B 111 5.66 -4.78 6.69
N LEU B 112 5.49 -5.23 5.45
CA LEU B 112 5.17 -6.62 5.23
C LEU B 112 6.44 -7.48 5.69
N LYS B 113 7.62 -6.98 5.38
CA LYS B 113 8.83 -7.73 5.72
C LYS B 113 9.08 -7.71 7.21
N LEU B 114 8.62 -6.69 7.92
CA LEU B 114 8.77 -6.59 9.35
C LEU B 114 7.83 -7.58 10.02
N GLU B 115 6.65 -7.79 9.44
CA GLU B 115 5.69 -8.69 10.04
C GLU B 115 6.20 -10.15 10.04
N TYR B 116 6.76 -10.59 8.92
CA TYR B 116 7.18 -11.97 8.75
C TYR B 116 8.65 -12.22 8.54
N GLY B 117 9.46 -11.16 8.53
CA GLY B 117 10.88 -11.29 8.22
C GLY B 117 11.12 -11.29 6.70
N SER C 1 13.17 -27.68 3.09
CA SER C 1 13.60 -26.45 2.34
C SER C 1 12.78 -25.22 2.81
N ALA C 2 13.05 -24.05 2.22
CA ALA C 2 12.04 -23.00 2.09
C ALA C 2 12.31 -22.30 0.76
N TYR C 3 11.60 -22.68 -0.32
CA TYR C 3 12.00 -22.16 -1.61
C TYR C 3 11.68 -20.70 -1.64
N SER C 4 12.39 -20.00 -2.50
CA SER C 4 12.06 -18.66 -2.68
C SER C 4 10.82 -18.76 -3.56
N THR C 5 9.90 -17.80 -3.33
CA THR C 5 8.76 -17.57 -4.18
CA THR C 5 8.72 -17.50 -4.19
C THR C 5 9.17 -17.23 -5.60
N ARG C 6 10.33 -16.62 -5.72
CA ARG C 6 10.87 -16.28 -7.01
C ARG C 6 11.17 -17.61 -7.80
N GLU C 7 11.74 -18.59 -7.13
CA GLU C 7 12.14 -19.87 -7.80
C GLU C 7 10.88 -20.64 -8.16
N ILE C 8 9.92 -20.74 -7.25
CA ILE C 8 8.72 -21.47 -7.57
C ILE C 8 7.89 -20.82 -8.65
N LEU C 9 7.76 -19.50 -8.61
CA LEU C 9 7.03 -18.84 -9.67
C LEU C 9 7.73 -18.98 -11.04
N LEU C 10 9.05 -18.94 -11.06
CA LEU C 10 9.82 -19.07 -12.22
C LEU C 10 9.67 -20.49 -12.81
N ALA C 11 9.75 -21.50 -11.93
CA ALA C 11 9.68 -22.92 -12.32
C ALA C 11 8.24 -23.18 -12.88
N LEU C 12 7.21 -22.71 -12.18
CA LEU C 12 5.81 -22.70 -12.69
C LEU C 12 5.61 -22.06 -14.06
N CYS C 13 6.10 -20.90 -14.30
CA CYS C 13 5.99 -20.24 -15.64
C CYS C 13 6.80 -21.07 -16.72
N ILE C 14 7.90 -21.62 -16.37
CA ILE C 14 8.63 -22.50 -17.28
C ILE C 14 7.85 -23.83 -17.58
N ARG C 15 7.27 -24.43 -16.54
CA ARG C 15 6.40 -25.59 -16.77
C ARG C 15 5.18 -25.23 -17.70
N ASP C 16 4.52 -24.10 -17.41
CA ASP C 16 3.40 -23.60 -18.13
C ASP C 16 3.71 -23.31 -19.59
N SER C 17 4.96 -22.88 -19.87
CA SER C 17 5.43 -22.53 -21.23
C SER C 17 5.48 -23.75 -22.17
N ARG C 18 5.80 -24.88 -21.60
CA ARG C 18 5.81 -26.17 -22.32
C ARG C 18 4.38 -26.68 -22.71
N VAL C 19 3.33 -26.23 -22.01
CA VAL C 19 1.94 -26.65 -22.24
C VAL C 19 1.21 -25.68 -23.21
N HIS C 20 1.85 -24.57 -23.65
CA HIS C 20 1.09 -23.47 -24.27
C HIS C 20 1.76 -22.87 -25.51
N GLY C 21 0.88 -22.34 -26.38
CA GLY C 21 1.26 -21.73 -27.64
C GLY C 21 2.25 -22.53 -28.49
N ASN C 22 3.43 -21.94 -28.70
CA ASN C 22 4.50 -22.53 -29.48
C ASN C 22 5.22 -23.56 -28.60
N GLY C 23 5.00 -23.48 -27.29
CA GLY C 23 5.72 -24.38 -26.37
C GLY C 23 7.20 -23.98 -26.20
N THR C 24 7.66 -22.93 -26.91
CA THR C 24 9.02 -22.47 -26.72
C THR C 24 9.07 -21.55 -25.52
N LEU C 25 10.27 -21.50 -24.97
CA LEU C 25 10.47 -20.75 -23.77
C LEU C 25 11.01 -19.40 -24.14
N HIS C 26 10.34 -18.38 -23.67
CA HIS C 26 10.73 -17.03 -23.97
C HIS C 26 12.18 -16.72 -23.46
N PRO C 27 13.01 -16.07 -24.29
CA PRO C 27 14.39 -15.75 -23.75
C PRO C 27 14.45 -14.99 -22.42
N VAL C 28 13.43 -14.19 -22.09
CA VAL C 28 13.39 -13.52 -20.81
C VAL C 28 13.34 -14.57 -19.67
N LEU C 29 12.56 -15.61 -19.85
CA LEU C 29 12.47 -16.67 -18.84
C LEU C 29 13.73 -17.48 -18.76
N GLU C 30 14.35 -17.73 -19.92
CA GLU C 30 15.63 -18.44 -19.93
C GLU C 30 16.70 -17.61 -19.16
N LEU C 31 16.77 -16.30 -19.42
CA LEU C 31 17.69 -15.40 -18.74
C LEU C 31 17.36 -15.31 -17.23
N ALA C 32 16.09 -15.27 -16.85
CA ALA C 32 15.73 -15.26 -15.42
C ALA C 32 16.19 -16.53 -14.67
N ALA C 33 16.04 -17.69 -15.31
CA ALA C 33 16.47 -18.98 -14.78
C ALA C 33 17.94 -18.99 -14.56
N ARG C 34 18.66 -18.50 -15.55
CA ARG C 34 20.14 -18.40 -15.43
C ARG C 34 20.63 -17.44 -14.30
N GLU C 35 20.00 -16.27 -14.16
CA GLU C 35 20.42 -15.28 -13.17
C GLU C 35 20.03 -15.55 -11.73
N THR C 36 18.97 -16.32 -11.50
CA THR C 36 18.35 -16.40 -10.16
C THR C 36 19.36 -16.93 -9.12
N PRO C 37 20.00 -18.09 -9.38
CA PRO C 37 19.82 -19.06 -10.45
C PRO C 37 18.77 -20.07 -9.99
N LEU C 38 18.08 -20.65 -10.95
CA LEU C 38 16.95 -21.47 -10.62
C LEU C 38 17.45 -22.86 -10.23
N ARG C 39 17.22 -23.31 -8.99
CA ARG C 39 17.63 -24.62 -8.60
C ARG C 39 16.51 -25.72 -8.60
N LEU C 40 15.25 -25.31 -8.57
CA LEU C 40 14.07 -26.19 -8.80
C LEU C 40 13.96 -26.63 -10.28
N SER C 41 13.71 -27.93 -10.47
CA SER C 41 13.26 -28.42 -11.78
C SER C 41 11.79 -28.07 -12.07
N PRO C 42 11.48 -27.70 -13.30
CA PRO C 42 10.07 -27.63 -13.76
C PRO C 42 9.28 -28.97 -13.57
N GLU C 43 9.98 -30.07 -13.38
CA GLU C 43 9.38 -31.39 -13.03
C GLU C 43 9.44 -31.81 -11.58
N ASP C 44 9.93 -30.95 -10.70
CA ASP C 44 9.93 -31.21 -9.30
C ASP C 44 8.50 -31.40 -8.81
N THR C 45 8.33 -32.29 -7.84
CA THR C 45 6.99 -32.60 -7.33
C THR C 45 6.28 -31.33 -6.85
N VAL C 46 6.98 -30.47 -6.18
CA VAL C 46 6.24 -29.27 -5.64
C VAL C 46 5.76 -28.40 -6.78
N VAL C 47 6.52 -28.32 -7.85
CA VAL C 47 6.12 -27.51 -8.96
C VAL C 47 4.92 -28.11 -9.69
N LEU C 48 4.96 -29.40 -9.93
CA LEU C 48 3.86 -30.13 -10.50
C LEU C 48 2.56 -29.91 -9.71
N ARG C 49 2.61 -30.09 -8.39
CA ARG C 49 1.42 -29.97 -7.52
C ARG C 49 0.81 -28.57 -7.51
N TYR C 50 1.66 -27.54 -7.43
CA TYR C 50 1.20 -26.15 -7.60
C TYR C 50 0.66 -25.80 -9.00
N HIS C 51 1.28 -26.35 -10.04
CA HIS C 51 0.81 -26.13 -11.38
C HIS C 51 -0.65 -26.61 -11.55
N VAL C 52 -0.99 -27.76 -10.98
CA VAL C 52 -2.33 -28.28 -11.03
C VAL C 52 -3.29 -27.29 -10.42
N LEU C 53 -2.93 -26.74 -9.25
CA LEU C 53 -3.79 -25.83 -8.49
C LEU C 53 -3.95 -24.51 -9.16
N LEU C 54 -2.88 -23.97 -9.71
CA LEU C 54 -2.95 -22.73 -10.43
C LEU C 54 -3.71 -22.82 -11.77
N GLU C 55 -3.56 -23.94 -12.45
CA GLU C 55 -4.35 -24.15 -13.65
C GLU C 55 -5.82 -24.22 -13.45
N GLU C 56 -6.23 -24.85 -12.39
CA GLU C 56 -7.67 -24.86 -11.97
C GLU C 56 -8.19 -23.45 -11.56
N ILE C 57 -7.40 -22.71 -10.78
CA ILE C 57 -7.77 -21.26 -10.55
C ILE C 57 -7.94 -20.39 -11.82
N ILE C 58 -7.02 -20.52 -12.76
CA ILE C 58 -7.11 -19.78 -14.01
C ILE C 58 -8.37 -20.22 -14.81
N GLU C 59 -8.63 -21.52 -14.96
CA GLU C 59 -9.88 -21.99 -15.68
C GLU C 59 -11.13 -21.49 -15.04
N ARG C 60 -11.23 -21.66 -13.72
CA ARG C 60 -12.41 -21.26 -13.00
C ARG C 60 -12.66 -19.68 -13.00
N ASN C 61 -11.63 -18.88 -13.22
CA ASN C 61 -11.73 -17.38 -13.13
C ASN C 61 -11.18 -16.79 -14.42
N SER C 62 -11.34 -17.52 -15.55
CA SER C 62 -10.68 -17.09 -16.81
C SER C 62 -11.14 -15.73 -17.32
N GLU C 63 -12.41 -15.47 -17.23
CA GLU C 63 -12.96 -14.15 -17.66
C GLU C 63 -12.38 -13.02 -16.84
N THR C 64 -12.39 -13.18 -15.50
CA THR C 64 -11.85 -12.15 -14.65
C THR C 64 -10.34 -11.95 -14.88
N PHE C 65 -9.57 -13.02 -15.01
CA PHE C 65 -8.13 -12.92 -15.26
C PHE C 65 -7.87 -12.21 -16.60
N THR C 66 -8.63 -12.51 -17.62
CA THR C 66 -8.45 -11.81 -18.94
C THR C 66 -8.74 -10.30 -18.84
N GLU C 67 -9.82 -9.95 -18.13
CA GLU C 67 -10.34 -8.59 -18.09
C GLU C 67 -9.37 -7.79 -17.21
N THR C 68 -8.95 -8.29 -16.08
CA THR C 68 -7.96 -7.57 -15.24
C THR C 68 -6.58 -7.45 -15.90
N TRP C 69 -6.08 -8.54 -16.51
CA TRP C 69 -4.86 -8.45 -17.25
C TRP C 69 -4.89 -7.39 -18.37
N ASN C 70 -5.99 -7.35 -19.11
CA ASN C 70 -6.11 -6.43 -20.22
C ASN C 70 -5.99 -5.02 -19.65
N ARG C 71 -6.65 -4.78 -18.52
CA ARG C 71 -6.70 -3.45 -17.95
C ARG C 71 -5.28 -3.13 -17.40
N PHE C 72 -4.56 -4.10 -16.83
CA PHE C 72 -3.22 -3.89 -16.37
C PHE C 72 -2.26 -3.45 -17.50
N ILE C 73 -2.27 -4.25 -18.59
CA ILE C 73 -1.32 -4.09 -19.65
C ILE C 73 -1.64 -2.94 -20.63
N THR C 74 -2.77 -2.26 -20.50
CA THR C 74 -3.07 -1.04 -21.26
CA THR C 74 -3.06 -1.07 -21.30
CA THR C 74 -3.06 -1.04 -21.27
C THR C 74 -2.00 0.04 -21.14
N HIS C 75 -1.27 0.06 -20.00
CA HIS C 75 -0.14 0.99 -19.74
C HIS C 75 1.11 0.16 -19.46
N THR C 76 2.08 0.25 -20.37
CA THR C 76 3.27 -0.68 -20.37
C THR C 76 4.58 -0.07 -19.83
N GLU C 77 4.60 1.25 -19.80
CA GLU C 77 5.70 2.04 -19.31
C GLU C 77 6.29 1.62 -17.95
N HIS C 78 5.41 1.45 -16.95
CA HIS C 78 5.87 1.15 -15.61
C HIS C 78 5.30 -0.13 -15.09
N VAL C 79 5.32 -1.20 -15.89
CA VAL C 79 4.72 -2.47 -15.47
C VAL C 79 5.43 -3.05 -14.23
N ASP C 80 6.74 -2.86 -14.13
CA ASP C 80 7.46 -3.39 -12.96
C ASP C 80 6.93 -2.75 -11.63
N LEU C 81 6.81 -1.42 -11.63
CA LEU C 81 6.30 -0.68 -10.48
C LEU C 81 4.85 -1.12 -10.24
N ASP C 82 4.05 -1.27 -11.29
CA ASP C 82 2.61 -1.59 -11.14
C ASP C 82 2.36 -2.96 -10.57
N PHE C 83 3.13 -3.95 -10.95
CA PHE C 83 3.10 -5.28 -10.34
C PHE C 83 3.31 -5.23 -8.84
N ASN C 84 4.31 -4.48 -8.43
CA ASN C 84 4.61 -4.29 -7.01
C ASN C 84 3.47 -3.62 -6.34
N SER C 85 2.90 -2.60 -6.99
CA SER C 85 1.76 -1.85 -6.44
C SER C 85 0.55 -2.78 -6.19
N VAL C 86 0.21 -3.64 -7.16
CA VAL C 86 -0.89 -4.58 -6.98
C VAL C 86 -0.58 -5.55 -5.87
N PHE C 87 0.63 -6.13 -5.91
CA PHE C 87 1.07 -7.12 -4.92
C PHE C 87 0.89 -6.56 -3.48
N LEU C 88 1.36 -5.35 -3.29
CA LEU C 88 1.41 -4.67 -2.01
C LEU C 88 0.05 -4.27 -1.57
N GLU C 89 -0.76 -3.87 -2.54
CA GLU C 89 -2.18 -3.64 -2.27
C GLU C 89 -2.90 -4.88 -1.66
N ILE C 90 -2.60 -6.06 -2.17
CA ILE C 90 -3.15 -7.32 -1.71
C ILE C 90 -2.62 -7.74 -0.27
N PHE C 91 -1.31 -7.60 -0.04
CA PHE C 91 -0.63 -8.23 1.08
C PHE C 91 -0.09 -7.30 2.17
N HIS C 92 -0.17 -5.98 2.01
CA HIS C 92 0.62 -5.06 2.89
C HIS C 92 0.30 -5.11 4.38
N ARG C 93 -0.95 -5.46 4.68
CA ARG C 93 -1.36 -5.59 6.08
C ARG C 93 -0.60 -6.75 6.83
N GLY C 94 -0.06 -7.71 6.06
CA GLY C 94 0.73 -8.81 6.59
C GLY C 94 -0.18 -9.88 7.14
N ASP C 95 -1.19 -10.25 6.33
CA ASP C 95 -2.21 -11.27 6.66
C ASP C 95 -2.45 -12.24 5.44
N PRO C 96 -1.39 -12.67 4.78
CA PRO C 96 -1.52 -13.55 3.63
C PRO C 96 -2.27 -14.85 4.02
N SER C 97 -2.71 -15.57 3.03
CA SER C 97 -3.32 -16.90 3.19
C SER C 97 -2.94 -17.66 1.98
N LEU C 98 -3.18 -18.97 2.04
CA LEU C 98 -2.97 -19.80 0.88
C LEU C 98 -3.78 -19.33 -0.27
N GLY C 99 -5.05 -19.02 -0.06
CA GLY C 99 -5.89 -18.67 -1.22
C GLY C 99 -5.49 -17.37 -1.87
N ARG C 100 -5.14 -16.32 -1.11
CA ARG C 100 -4.57 -15.10 -1.67
C ARG C 100 -3.25 -15.26 -2.39
N ALA C 101 -2.38 -16.09 -1.83
CA ALA C 101 -1.13 -16.48 -2.51
C ALA C 101 -1.28 -17.18 -3.84
N LEU C 102 -2.15 -18.18 -3.87
CA LEU C 102 -2.52 -18.89 -5.08
C LEU C 102 -3.20 -17.98 -6.06
N ALA C 103 -4.09 -17.09 -5.63
CA ALA C 103 -4.72 -16.15 -6.58
C ALA C 103 -3.69 -15.21 -7.26
N TRP C 104 -2.73 -14.69 -6.49
CA TRP C 104 -1.66 -13.88 -6.99
C TRP C 104 -0.72 -14.68 -7.97
N MET C 105 -0.29 -15.86 -7.56
N MET C 105 -0.31 -15.85 -7.55
CA MET C 105 0.63 -16.63 -8.40
CA MET C 105 0.56 -16.70 -8.31
C MET C 105 -0.07 -17.09 -9.69
C MET C 105 -0.05 -17.15 -9.64
N ALA C 106 -1.34 -17.46 -9.59
CA ALA C 106 -2.17 -17.79 -10.76
C ALA C 106 -2.28 -16.65 -11.71
N TRP C 107 -2.51 -15.43 -11.19
CA TRP C 107 -2.57 -14.28 -11.99
C TRP C 107 -1.25 -13.99 -12.69
N CYS C 108 -0.12 -14.09 -11.97
CA CYS C 108 1.17 -13.92 -12.58
C CYS C 108 1.47 -14.93 -13.72
N MET C 109 1.17 -16.18 -13.43
CA MET C 109 1.38 -17.26 -14.44
C MET C 109 0.52 -17.06 -15.72
N HIS C 110 -0.72 -16.67 -15.54
CA HIS C 110 -1.61 -16.23 -16.57
C HIS C 110 -1.03 -15.03 -17.41
N ALA C 111 -0.42 -14.06 -16.75
CA ALA C 111 0.15 -12.91 -17.41
C ALA C 111 1.31 -13.35 -18.29
N CYS C 112 2.15 -14.20 -17.73
CA CYS C 112 3.33 -14.74 -18.45
C CYS C 112 2.89 -15.50 -19.66
N ARG C 113 1.90 -16.35 -19.49
CA ARG C 113 1.28 -17.08 -20.55
C ARG C 113 0.70 -16.20 -21.66
N THR C 114 0.05 -15.14 -21.31
CA THR C 114 -0.59 -14.27 -22.28
C THR C 114 0.46 -13.44 -23.04
N LEU C 115 1.49 -13.05 -22.32
CA LEU C 115 2.55 -12.23 -22.86
C LEU C 115 3.41 -13.00 -23.85
N CYS C 116 3.65 -14.27 -23.61
CA CYS C 116 4.48 -14.99 -24.57
C CYS C 116 3.73 -15.61 -25.76
N CYS C 117 2.49 -16.05 -25.52
CA CYS C 117 1.71 -16.74 -26.55
C CYS C 117 1.29 -15.75 -27.65
N ASN C 118 0.95 -14.51 -27.27
CA ASN C 118 0.58 -13.52 -28.29
C ASN C 118 1.69 -13.18 -29.30
N GLN C 119 2.94 -13.55 -28.99
CA GLN C 119 4.09 -13.49 -29.95
C GLN C 119 4.21 -12.17 -30.68
N SER C 120 3.74 -11.13 -30.02
CA SER C 120 3.67 -9.78 -30.54
C SER C 120 4.36 -8.79 -29.57
N THR C 121 4.37 -9.18 -28.30
CA THR C 121 4.66 -8.26 -27.21
C THR C 121 6.14 -7.88 -27.30
N PRO C 122 6.47 -6.57 -27.32
CA PRO C 122 7.92 -6.24 -27.33
C PRO C 122 8.73 -6.88 -26.20
N TYR C 123 9.96 -7.25 -26.53
CA TYR C 123 10.86 -7.83 -25.56
C TYR C 123 10.91 -7.05 -24.25
N TYR C 124 11.05 -5.74 -24.32
CA TYR C 124 11.26 -4.97 -23.11
C TYR C 124 10.03 -5.04 -22.18
N VAL C 125 8.83 -5.21 -22.72
CA VAL C 125 7.60 -5.31 -21.95
C VAL C 125 7.61 -6.64 -21.24
N VAL C 126 7.97 -7.70 -21.95
CA VAL C 126 8.00 -9.00 -21.32
C VAL C 126 9.05 -8.99 -20.20
N ASP C 127 10.22 -8.42 -20.48
CA ASP C 127 11.31 -8.39 -19.50
C ASP C 127 10.89 -7.67 -18.20
N LEU C 128 10.29 -6.49 -18.38
CA LEU C 128 9.77 -5.72 -17.23
C LEU C 128 8.68 -6.49 -16.45
N SER C 129 7.78 -7.17 -17.13
CA SER C 129 6.76 -7.93 -16.49
C SER C 129 7.29 -9.06 -15.69
N VAL C 130 8.19 -9.84 -16.27
CA VAL C 130 8.72 -10.97 -15.58
C VAL C 130 9.57 -10.54 -14.33
N ARG C 131 10.41 -9.57 -14.54
CA ARG C 131 11.21 -8.96 -13.49
C ARG C 131 10.25 -8.40 -12.41
N GLY C 132 9.21 -7.69 -12.82
CA GLY C 132 8.18 -7.14 -11.92
C GLY C 132 7.47 -8.18 -11.06
N MET C 133 6.95 -9.23 -11.67
CA MET C 133 6.30 -10.28 -10.95
C MET C 133 7.22 -11.02 -10.04
N LEU C 134 8.43 -11.27 -10.48
CA LEU C 134 9.31 -12.09 -9.65
C LEU C 134 9.74 -11.25 -8.38
N GLU C 135 10.04 -9.98 -8.60
CA GLU C 135 10.57 -9.09 -7.55
C GLU C 135 9.48 -8.81 -6.57
N ALA C 136 8.30 -8.62 -7.06
CA ALA C 136 7.13 -8.41 -6.16
C ALA C 136 6.86 -9.65 -5.30
N SER C 137 6.82 -10.82 -5.95
CA SER C 137 6.46 -12.07 -5.30
C SER C 137 7.35 -12.45 -4.13
N GLU C 138 8.61 -12.01 -4.16
CA GLU C 138 9.59 -12.28 -3.09
C GLU C 138 9.06 -11.77 -1.77
N GLY C 139 8.10 -10.83 -1.81
CA GLY C 139 7.52 -10.35 -0.55
C GLY C 139 6.81 -11.40 0.27
N LEU C 140 6.41 -12.51 -0.34
CA LEU C 140 5.78 -13.60 0.40
C LEU C 140 6.78 -14.47 1.18
N ASP C 141 8.09 -14.26 1.01
CA ASP C 141 9.05 -15.20 1.54
C ASP C 141 9.04 -15.39 3.06
N GLY C 142 8.95 -14.28 3.80
CA GLY C 142 8.90 -14.36 5.23
C GLY C 142 7.69 -15.16 5.70
N TRP C 143 6.50 -14.86 5.21
CA TRP C 143 5.26 -15.61 5.46
C TRP C 143 5.42 -17.13 5.16
N ILE C 144 5.88 -17.46 3.95
CA ILE C 144 6.06 -18.87 3.51
C ILE C 144 7.03 -19.52 4.45
N HIS C 145 8.11 -18.84 4.80
CA HIS C 145 9.00 -19.39 5.79
C HIS C 145 8.28 -19.82 7.08
N GLN C 146 7.48 -18.92 7.62
CA GLN C 146 6.78 -19.17 8.87
C GLN C 146 5.86 -20.38 8.68
N GLN C 147 5.43 -20.64 7.45
CA GLN C 147 4.53 -21.77 7.17
C GLN C 147 5.23 -23.11 6.93
N GLY C 148 6.56 -23.17 6.99
CA GLY C 148 7.31 -24.38 6.66
C GLY C 148 7.58 -24.61 5.18
N GLY C 149 7.42 -23.59 4.36
CA GLY C 149 7.77 -23.66 2.94
C GLY C 149 6.57 -23.98 2.06
N TRP C 150 6.77 -23.89 0.75
CA TRP C 150 5.66 -24.10 -0.23
C TRP C 150 5.16 -25.54 -0.17
N SER C 151 6.03 -26.50 0.05
CA SER C 151 5.51 -27.91 0.13
C SER C 151 4.63 -28.17 1.31
N THR C 152 5.04 -27.71 2.48
CA THR C 152 4.25 -27.92 3.70
C THR C 152 2.91 -27.26 3.65
N LEU C 153 2.89 -26.09 3.04
CA LEU C 153 1.70 -25.30 2.97
C LEU C 153 0.50 -26.05 2.31
N ILE C 154 0.74 -26.92 1.35
CA ILE C 154 -0.39 -27.64 0.72
C ILE C 154 -0.44 -29.08 1.17
N GLU C 155 0.26 -29.46 2.23
CA GLU C 155 0.57 -30.87 2.45
C GLU C 155 -0.66 -31.67 2.83
N ASP C 156 -1.64 -30.99 3.43
CA ASP C 156 -2.96 -31.61 3.65
C ASP C 156 -3.85 -31.69 2.39
N ASN C 157 -3.25 -31.85 1.22
CA ASN C 157 -4.02 -32.00 -0.02
C ASN C 157 -4.24 -33.47 -0.43
N ILE C 158 -3.28 -34.35 -0.13
CA ILE C 158 -3.46 -35.82 -0.29
C ILE C 158 -2.98 -36.55 0.97
N ALA D 1 -19.83 -30.49 12.36
CA ALA D 1 -20.52 -31.64 13.02
C ALA D 1 -21.42 -32.39 12.03
N ASP D 2 -21.89 -31.73 10.96
CA ASP D 2 -22.58 -32.45 9.86
C ASP D 2 -22.60 -31.67 8.54
N PRO D 3 -22.94 -32.37 7.42
CA PRO D 3 -22.83 -31.75 6.09
C PRO D 3 -23.58 -30.41 5.94
N LYS D 4 -24.70 -30.27 6.63
CA LYS D 4 -25.51 -29.03 6.51
C LYS D 4 -24.79 -27.88 7.22
N LYS D 5 -24.14 -28.17 8.35
CA LYS D 5 -23.36 -27.13 9.05
C LYS D 5 -22.09 -26.66 8.27
N VAL D 6 -21.40 -27.62 7.66
CA VAL D 6 -20.24 -27.33 6.79
C VAL D 6 -20.70 -26.43 5.63
N LEU D 7 -21.77 -26.83 4.95
CA LEU D 7 -22.19 -26.09 3.77
C LEU D 7 -22.74 -24.70 4.17
N ASP D 8 -23.37 -24.60 5.33
CA ASP D 8 -23.98 -23.33 5.71
C ASP D 8 -22.92 -22.32 6.11
N LYS D 9 -21.90 -22.78 6.84
CA LYS D 9 -20.76 -21.92 7.16
C LYS D 9 -20.02 -21.44 5.86
N ALA D 10 -19.83 -22.36 4.92
CA ALA D 10 -19.18 -22.02 3.65
C ALA D 10 -20.00 -20.93 2.93
N LYS D 11 -21.30 -21.13 2.85
CA LYS D 11 -22.22 -20.21 2.19
C LYS D 11 -22.17 -18.81 2.79
N ASP D 12 -22.19 -18.72 4.12
CA ASP D 12 -22.07 -17.41 4.77
C ASP D 12 -20.76 -16.71 4.55
N GLN D 13 -19.66 -17.48 4.59
CA GLN D 13 -18.33 -16.93 4.36
C GLN D 13 -18.18 -16.48 2.91
N ALA D 14 -18.63 -17.29 1.95
CA ALA D 14 -18.58 -16.84 0.57
C ALA D 14 -19.42 -15.56 0.34
N GLU D 15 -20.61 -15.50 0.92
CA GLU D 15 -21.43 -14.30 0.73
C GLU D 15 -20.76 -13.06 1.35
N ASN D 16 -20.13 -13.22 2.50
CA ASN D 16 -19.44 -12.08 3.13
C ASN D 16 -18.31 -11.55 2.24
N ARG D 17 -17.53 -12.47 1.67
CA ARG D 17 -16.45 -12.06 0.78
C ARG D 17 -16.92 -11.40 -0.51
N VAL D 18 -18.03 -11.89 -1.05
CA VAL D 18 -18.64 -11.27 -2.24
C VAL D 18 -19.16 -9.83 -1.89
N ARG D 19 -19.81 -9.67 -0.75
CA ARG D 19 -20.29 -8.39 -0.27
C ARG D 19 -19.13 -7.42 -0.11
N GLU D 20 -18.06 -7.88 0.49
CA GLU D 20 -16.83 -7.08 0.71
C GLU D 20 -16.27 -6.57 -0.62
N LEU D 21 -16.24 -7.42 -1.63
CA LEU D 21 -15.89 -7.00 -2.96
C LEU D 21 -16.84 -5.91 -3.47
N LYS D 22 -18.15 -6.17 -3.46
CA LYS D 22 -19.13 -5.23 -3.98
C LYS D 22 -18.86 -3.83 -3.36
N GLN D 23 -18.68 -3.74 -2.04
CA GLN D 23 -18.45 -2.45 -1.33
C GLN D 23 -17.15 -1.81 -1.67
N LYS D 24 -16.10 -2.59 -1.93
CA LYS D 24 -14.84 -2.00 -2.37
C LYS D 24 -14.97 -1.35 -3.72
N LEU D 25 -15.64 -2.02 -4.65
CA LEU D 25 -15.84 -1.52 -5.98
C LEU D 25 -16.78 -0.29 -5.99
N GLU D 26 -17.78 -0.26 -5.15
CA GLU D 26 -18.61 0.94 -4.97
C GLU D 26 -17.75 2.13 -4.49
N GLU D 27 -16.85 1.91 -3.52
N GLU D 27 -16.91 1.95 -3.49
CA GLU D 27 -15.91 2.99 -3.04
CA GLU D 27 -16.03 3.04 -3.07
C GLU D 27 -15.05 3.48 -4.19
C GLU D 27 -15.04 3.50 -4.15
N LEU D 28 -14.51 2.56 -4.95
CA LEU D 28 -13.65 2.89 -6.10
C LEU D 28 -14.39 3.71 -7.15
N TYR D 29 -15.65 3.37 -7.43
CA TYR D 29 -16.43 4.08 -8.39
C TYR D 29 -16.61 5.50 -7.92
N LYS D 30 -16.94 5.65 -6.65
CA LYS D 30 -17.12 7.01 -6.08
C LYS D 30 -15.86 7.88 -6.27
N GLU D 31 -14.69 7.31 -6.01
CA GLU D 31 -13.44 7.98 -6.27
C GLU D 31 -13.21 8.26 -7.75
N ALA D 32 -13.59 7.32 -8.63
CA ALA D 32 -13.46 7.52 -10.04
C ALA D 32 -14.32 8.64 -10.59
N ARG D 33 -15.43 8.94 -9.93
CA ARG D 33 -16.35 10.01 -10.34
C ARG D 33 -16.00 11.40 -9.77
N LYS D 34 -14.88 11.51 -9.08
CA LYS D 34 -14.45 12.83 -8.59
C LYS D 34 -13.87 13.71 -9.71
N LEU D 35 -14.05 15.03 -9.59
CA LEU D 35 -13.56 15.92 -10.63
C LEU D 35 -12.06 16.14 -10.50
N ASP D 36 -11.39 16.39 -11.62
CA ASP D 36 -9.89 16.57 -11.66
C ASP D 36 -9.09 15.34 -11.12
N LEU D 37 -9.66 14.16 -11.25
CA LEU D 37 -8.94 12.92 -11.14
C LEU D 37 -7.89 13.04 -12.25
N THR D 38 -6.63 13.03 -11.85
CA THR D 38 -5.54 12.96 -12.81
C THR D 38 -5.25 11.53 -13.29
N GLN D 39 -4.35 11.42 -14.26
CA GLN D 39 -4.05 10.10 -14.87
C GLN D 39 -3.40 9.12 -13.92
N GLU D 40 -2.51 9.61 -13.07
CA GLU D 40 -1.99 8.81 -12.03
C GLU D 40 -3.09 8.34 -11.05
N MET D 41 -4.03 9.22 -10.71
CA MET D 41 -5.08 8.81 -9.76
C MET D 41 -5.96 7.73 -10.39
N ARG D 42 -6.24 7.88 -11.69
CA ARG D 42 -7.02 6.86 -12.37
C ARG D 42 -6.34 5.47 -12.35
N ARG D 43 -5.05 5.48 -12.68
CA ARG D 43 -4.23 4.24 -12.67
C ARG D 43 -4.22 3.61 -11.28
N LYS D 44 -4.02 4.39 -10.24
CA LYS D 44 -4.12 3.85 -8.88
C LYS D 44 -5.45 3.14 -8.61
N LEU D 45 -6.56 3.68 -9.11
CA LEU D 45 -7.86 3.02 -8.95
C LEU D 45 -7.95 1.67 -9.71
N GLU D 46 -7.39 1.64 -10.94
CA GLU D 46 -7.34 0.47 -11.77
C GLU D 46 -6.58 -0.60 -11.01
N LEU D 47 -5.45 -0.23 -10.44
CA LEU D 47 -4.63 -1.19 -9.70
C LEU D 47 -5.39 -1.73 -8.45
N ARG D 48 -6.09 -0.85 -7.75
CA ARG D 48 -6.87 -1.24 -6.56
C ARG D 48 -8.03 -2.17 -6.97
N TYR D 49 -8.64 -1.93 -8.12
CA TYR D 49 -9.64 -2.82 -8.69
C TYR D 49 -9.12 -4.26 -8.97
N ILE D 50 -7.95 -4.40 -9.59
CA ILE D 50 -7.26 -5.69 -9.81
C ILE D 50 -6.98 -6.43 -8.50
N ALA D 51 -6.45 -5.71 -7.53
CA ALA D 51 -6.14 -6.23 -6.16
C ALA D 51 -7.42 -6.66 -5.49
N ALA D 52 -8.49 -5.87 -5.56
CA ALA D 52 -9.80 -6.32 -5.01
C ALA D 52 -10.33 -7.65 -5.66
N MET D 53 -10.27 -7.74 -6.99
CA MET D 53 -10.69 -8.99 -7.71
C MET D 53 -9.88 -10.19 -7.23
N LEU D 54 -8.57 -10.02 -7.11
CA LEU D 54 -7.68 -11.13 -6.71
C LEU D 54 -7.92 -11.56 -5.28
N MET D 55 -8.14 -10.58 -4.42
CA MET D 55 -8.43 -10.87 -3.02
C MET D 55 -9.71 -11.59 -2.83
N ALA D 56 -10.75 -11.26 -3.62
CA ALA D 56 -12.04 -11.95 -3.63
C ALA D 56 -11.95 -13.42 -4.09
N ILE D 57 -11.17 -13.69 -5.10
CA ILE D 57 -10.92 -15.01 -5.60
C ILE D 57 -10.19 -15.80 -4.53
N GLY D 58 -9.17 -15.19 -3.93
CA GLY D 58 -8.37 -15.83 -2.91
C GLY D 58 -9.18 -16.17 -1.68
N ASP D 59 -10.03 -15.25 -1.27
CA ASP D 59 -10.79 -15.45 -0.04
C ASP D 59 -11.97 -16.44 -0.27
N ILE D 60 -12.53 -16.45 -1.44
CA ILE D 60 -13.48 -17.48 -1.80
C ILE D 60 -12.81 -18.87 -1.77
N TYR D 61 -11.68 -18.95 -2.40
CA TYR D 61 -10.90 -20.14 -2.42
C TYR D 61 -10.61 -20.68 -1.07
N ASN D 62 -10.19 -19.83 -0.17
CA ASN D 62 -9.94 -20.20 1.22
C ASN D 62 -11.14 -20.75 1.96
N ALA D 63 -12.27 -20.09 1.80
CA ALA D 63 -13.53 -20.56 2.49
C ALA D 63 -13.88 -21.98 1.99
N ILE D 64 -13.83 -22.20 0.68
CA ILE D 64 -14.20 -23.49 0.13
C ILE D 64 -13.18 -24.54 0.53
N ARG D 65 -11.89 -24.21 0.49
CA ARG D 65 -10.81 -25.17 0.90
C ARG D 65 -11.02 -25.64 2.35
N GLN D 66 -11.31 -24.70 3.23
CA GLN D 66 -11.61 -24.99 4.63
C GLN D 66 -12.82 -25.90 4.80
N ALA D 67 -13.87 -25.65 4.02
CA ALA D 67 -15.09 -26.49 4.05
C ALA D 67 -14.83 -27.92 3.57
N LYS D 68 -14.03 -28.06 2.51
CA LYS D 68 -13.59 -29.36 2.00
C LYS D 68 -12.74 -30.09 2.99
N GLN D 69 -11.92 -29.35 3.76
CA GLN D 69 -11.18 -29.95 4.84
C GLN D 69 -12.09 -30.43 5.97
N GLU D 70 -13.06 -29.60 6.33
N GLU D 70 -13.07 -29.61 6.30
N GLU D 70 -13.08 -29.63 6.36
CA GLU D 70 -14.02 -30.03 7.36
CA GLU D 70 -14.07 -29.95 7.29
CA GLU D 70 -14.04 -30.12 7.37
C GLU D 70 -14.91 -31.19 6.86
C GLU D 70 -14.96 -31.12 6.84
C GLU D 70 -14.80 -31.33 6.82
N ALA D 71 -15.10 -31.31 5.54
CA ALA D 71 -15.82 -32.42 4.97
C ALA D 71 -15.01 -33.75 5.09
N ASP D 72 -13.72 -33.65 4.79
CA ASP D 72 -12.76 -34.74 4.99
C ASP D 72 -12.73 -35.27 6.42
N LYS D 73 -12.84 -34.37 7.39
CA LYS D 73 -12.87 -34.74 8.77
C LYS D 73 -14.11 -35.51 9.15
N LEU D 74 -15.24 -35.15 8.57
CA LEU D 74 -16.47 -35.95 8.68
C LEU D 74 -16.29 -37.39 8.21
N LYS D 75 -15.64 -37.54 7.06
CA LYS D 75 -15.41 -38.86 6.49
C LYS D 75 -14.47 -39.59 7.41
N LYS D 76 -13.40 -38.95 7.82
CA LYS D 76 -12.47 -39.60 8.78
C LYS D 76 -13.07 -40.00 10.17
N ALA D 77 -14.03 -39.21 10.69
CA ALA D 77 -14.76 -39.51 11.92
C ALA D 77 -15.88 -40.53 11.73
N GLY D 78 -16.05 -41.04 10.51
CA GLY D 78 -17.05 -42.05 10.22
C GLY D 78 -18.47 -41.48 10.18
N LEU D 79 -18.61 -40.17 9.91
CA LEU D 79 -19.91 -39.54 9.95
C LEU D 79 -20.61 -39.37 8.61
N VAL D 80 -19.92 -39.63 7.54
CA VAL D 80 -20.53 -39.65 6.21
C VAL D 80 -19.84 -40.78 5.49
N ASN D 81 -20.50 -41.36 4.52
CA ASN D 81 -19.85 -42.35 3.67
C ASN D 81 -19.30 -41.65 2.40
N SER D 82 -18.81 -42.45 1.45
CA SER D 82 -18.12 -41.97 0.24
C SER D 82 -19.11 -41.25 -0.65
N GLN D 83 -20.29 -41.84 -0.78
CA GLN D 83 -21.37 -41.22 -1.56
C GLN D 83 -21.59 -39.78 -1.04
N GLN D 84 -21.89 -39.72 0.25
CA GLN D 84 -22.28 -38.47 0.92
C GLN D 84 -21.13 -37.46 0.97
N LEU D 85 -19.90 -37.95 1.05
CA LEU D 85 -18.73 -37.08 1.01
C LEU D 85 -18.65 -36.36 -0.36
N ASP D 86 -18.88 -37.11 -1.42
CA ASP D 86 -18.80 -36.60 -2.77
C ASP D 86 -19.92 -35.62 -3.03
N GLU D 87 -21.14 -35.97 -2.62
CA GLU D 87 -22.28 -35.04 -2.63
C GLU D 87 -21.99 -33.68 -1.96
N LEU D 88 -21.40 -33.70 -0.77
CA LEU D 88 -21.03 -32.48 -0.03
C LEU D 88 -20.02 -31.68 -0.82
N LYS D 89 -19.00 -32.34 -1.37
CA LYS D 89 -17.97 -31.62 -2.13
C LYS D 89 -18.52 -31.07 -3.42
N ARG D 90 -19.50 -31.79 -4.02
CA ARG D 90 -20.20 -31.37 -5.21
C ARG D 90 -20.92 -30.05 -4.89
N ARG D 91 -21.56 -29.99 -3.75
CA ARG D 91 -22.34 -28.83 -3.32
C ARG D 91 -21.47 -27.63 -3.04
N LEU D 92 -20.30 -27.92 -2.46
CA LEU D 92 -19.26 -26.92 -2.14
C LEU D 92 -18.71 -26.29 -3.41
N GLU D 93 -18.58 -27.11 -4.44
CA GLU D 93 -18.15 -26.64 -5.76
C GLU D 93 -19.15 -25.77 -6.43
N GLU D 94 -20.42 -26.13 -6.32
CA GLU D 94 -21.48 -25.29 -6.82
C GLU D 94 -21.53 -23.90 -6.14
N LEU D 95 -21.34 -23.87 -4.83
CA LEU D 95 -21.25 -22.64 -4.12
CA LEU D 95 -21.22 -22.61 -4.10
C LEU D 95 -20.04 -21.79 -4.61
N LYS D 96 -18.94 -22.45 -4.89
CA LYS D 96 -17.77 -21.75 -5.34
C LYS D 96 -18.06 -21.16 -6.73
N GLU D 97 -18.70 -21.92 -7.59
CA GLU D 97 -19.00 -21.41 -8.90
C GLU D 97 -19.97 -20.23 -8.88
N GLU D 98 -20.95 -20.31 -8.02
CA GLU D 98 -21.92 -19.20 -7.88
C GLU D 98 -21.26 -17.91 -7.40
N ALA D 99 -20.47 -18.01 -6.33
CA ALA D 99 -19.70 -16.89 -5.82
C ALA D 99 -18.76 -16.25 -6.84
N SER D 100 -18.08 -17.10 -7.57
N SER D 100 -18.09 -17.10 -7.59
CA SER D 100 -17.23 -16.69 -8.63
CA SER D 100 -17.21 -16.74 -8.65
C SER D 100 -17.96 -15.92 -9.74
C SER D 100 -17.91 -15.99 -9.81
N ARG D 101 -19.14 -16.37 -10.14
CA ARG D 101 -19.94 -15.62 -11.12
C ARG D 101 -20.30 -14.22 -10.61
N LYS D 102 -20.73 -14.12 -9.37
CA LYS D 102 -21.08 -12.80 -8.82
C LYS D 102 -19.90 -11.92 -8.78
N ALA D 103 -18.71 -12.44 -8.44
CA ALA D 103 -17.48 -11.63 -8.43
C ALA D 103 -17.09 -11.16 -9.80
N ARG D 104 -17.14 -12.05 -10.80
CA ARG D 104 -16.94 -11.73 -12.16
C ARG D 104 -17.84 -10.56 -12.57
N ASP D 105 -19.11 -10.66 -12.20
CA ASP D 105 -20.06 -9.65 -12.68
C ASP D 105 -19.90 -8.27 -11.98
N TYR D 106 -19.59 -8.25 -10.68
CA TYR D 106 -19.16 -6.97 -9.98
C TYR D 106 -17.97 -6.28 -10.65
N GLY D 107 -16.92 -7.05 -11.01
CA GLY D 107 -15.88 -6.57 -11.85
C GLY D 107 -16.27 -6.07 -13.19
N ARG D 108 -17.15 -6.79 -13.92
CA ARG D 108 -17.68 -6.27 -15.21
C ARG D 108 -18.43 -4.93 -15.09
N GLU D 109 -19.19 -4.81 -14.03
CA GLU D 109 -20.07 -3.68 -13.83
C GLU D 109 -19.19 -2.47 -13.53
N PHE D 110 -18.19 -2.67 -12.69
CA PHE D 110 -17.14 -1.65 -12.43
C PHE D 110 -16.41 -1.15 -13.66
N GLN D 111 -15.87 -2.08 -14.43
CA GLN D 111 -15.25 -1.73 -15.70
C GLN D 111 -16.16 -0.95 -16.65
N LEU D 112 -17.41 -1.33 -16.77
CA LEU D 112 -18.28 -0.61 -17.71
C LEU D 112 -18.48 0.82 -17.15
N LYS D 113 -18.65 0.91 -15.83
CA LYS D 113 -18.91 2.25 -15.23
C LYS D 113 -17.69 3.12 -15.24
N LEU D 114 -16.51 2.53 -15.25
CA LEU D 114 -15.28 3.27 -15.30
C LEU D 114 -15.11 3.87 -16.70
N GLU D 115 -15.53 3.14 -17.74
CA GLU D 115 -15.33 3.55 -19.09
C GLU D 115 -16.14 4.79 -19.43
N TYR D 116 -17.40 4.79 -19.01
CA TYR D 116 -18.31 5.89 -19.32
C TYR D 116 -18.81 6.73 -18.15
N GLY D 117 -18.39 6.40 -16.94
CA GLY D 117 -18.93 7.06 -15.74
C GLY D 117 -20.22 6.41 -15.27
C1 EDO E . -17.83 -45.54 2.63
O1 EDO E . -16.43 -45.62 2.33
C2 EDO E . -18.24 -45.21 4.08
O2 EDO E . -17.39 -45.42 5.15
#